data_2FY5
#
_entry.id   2FY5
#
_cell.length_a   55.270
_cell.length_b   74.030
_cell.length_c   165.830
_cell.angle_alpha   90.00
_cell.angle_beta   90.00
_cell.angle_gamma   90.00
#
_symmetry.space_group_name_H-M   'P 21 21 21'
#
loop_
_entity.id
_entity.type
_entity.pdbx_description
1 polymer 'Choline O-acetyltransferase'
2 non-polymer '[(2R,3S,4R,5R)-5-(6-AMINO-9H-PURIN-9-YL)-4-HYDROXY-3-(PHOSPHONOOXY)TETRAHYDROFURAN-2-YL]METHYL (3R)-3-HYDROXY-2,2-DIMETHYL-4-OXO-4-{[3-OXO-3-({2-[(2-OXOPROPYL)THIO]ETHYL}AMINO)PROPYL]AMINO}BUTYL DIHYDROGEN DIPHOSPHATE'
3 water water
#
_entity_poly.entity_id   1
_entity_poly.type   'polypeptide(L)'
_entity_poly.pdbx_seq_one_letter_code
;AAAKTPSSEESGLPKLPVPPLQQTLATYLQCMRHLVSEEQFRKSQAIVQQFGAPGGLGETLQQKLLERQEKTANWVSEYW
LNDMYLNNRLALPVNSSPAVIFARQHFPGTDDQLRFAASLISGVLSYKALLDSHSIPTDCAKGQLSGQPLCMKQYYGLFS
SYRLPGHTQDTLVAQNSSIMPEPEHVIVACCNQFFVLDVVINFRRLSEGDLFTQLRKIVKMASNAAARLPPIGLLTSDGR
SEWAEARTVLVKDSTNRDSLDMIERCICLVCLDAPGGVELSDTHRALQLLHGGGYSKNGANRWYDKSLQFVVGRDGTCGV
VCEHSPFDGIVLVQCTEHLLKHMTQPELVRSPMVPLPAPRRLRWKCSPEIQGHLASSAEKLQRIVKNLDFIVYKFDNYGK
TFIKKQKCSPDAFIQVALQLAFYRLHRRLVPTYESASIRRFQEGRVDNIRSATPEALAFVRAVTDHKAAVPASEKLLLLK
DAIRAQTAYTVMAITGMAIDNHLLALRELARAMCAALPEMFMDETYLMSNRFVLSTSQVPTTTEMFCCYGPVVPNGYGAC
YNPQPETILFCISSFHSCAATSSSKFAKAVEESLIDMRDLCSLLPPTESKPL
;
_entity_poly.pdbx_strand_id   A
#
# COMPACT_ATOMS: atom_id res chain seq x y z
N SER A 11 15.10 -3.52 22.60
CA SER A 11 15.31 -3.89 21.17
C SER A 11 16.81 -3.85 20.80
N GLY A 12 17.30 -4.96 20.23
CA GLY A 12 18.69 -5.03 19.83
C GLY A 12 18.98 -4.36 18.50
N LEU A 13 17.93 -3.87 17.84
CA LEU A 13 18.06 -3.20 16.54
C LEU A 13 18.57 -1.77 16.65
N PRO A 14 19.29 -1.30 15.63
CA PRO A 14 19.82 0.06 15.63
C PRO A 14 18.67 1.07 15.48
N LYS A 15 18.86 2.27 15.99
CA LYS A 15 17.83 3.30 15.83
C LYS A 15 18.03 3.95 14.48
N LEU A 16 16.92 4.29 13.83
CA LEU A 16 16.97 4.95 12.53
C LEU A 16 17.94 6.12 12.60
N PRO A 17 18.93 6.14 11.70
CA PRO A 17 19.91 7.23 11.69
C PRO A 17 19.32 8.60 11.39
N VAL A 18 20.01 9.63 11.85
CA VAL A 18 19.61 11.00 11.57
C VAL A 18 20.68 11.50 10.60
N PRO A 19 20.30 11.63 9.32
CA PRO A 19 21.22 12.10 8.29
C PRO A 19 21.74 13.47 8.63
N PRO A 20 23.00 13.78 8.23
CA PRO A 20 23.56 15.10 8.54
C PRO A 20 22.75 16.14 7.75
N LEU A 21 22.47 17.29 8.36
CA LEU A 21 21.69 18.32 7.68
C LEU A 21 22.13 18.66 6.25
N GLN A 22 23.39 19.03 6.08
CA GLN A 22 23.90 19.44 4.77
C GLN A 22 23.88 18.33 3.72
N GLN A 23 23.92 17.09 4.15
CA GLN A 23 23.88 15.98 3.20
C GLN A 23 22.48 15.98 2.56
N THR A 24 21.46 16.11 3.40
CA THR A 24 20.09 16.10 2.90
C THR A 24 19.77 17.31 2.04
N LEU A 25 20.17 18.49 2.46
CA LEU A 25 19.88 19.70 1.70
C LEU A 25 20.55 19.67 0.34
N ALA A 26 21.77 19.17 0.27
CA ALA A 26 22.47 19.09 -1.02
C ALA A 26 21.75 18.06 -1.90
N THR A 27 21.46 16.88 -1.33
CA THR A 27 20.78 15.83 -2.06
C THR A 27 19.41 16.32 -2.54
N TYR A 28 18.73 17.03 -1.66
CA TYR A 28 17.41 17.57 -1.98
C TYR A 28 17.45 18.37 -3.28
N LEU A 29 18.30 19.40 -3.30
CA LEU A 29 18.44 20.28 -4.45
C LEU A 29 18.88 19.54 -5.69
N GLN A 30 19.80 18.59 -5.52
CA GLN A 30 20.31 17.81 -6.63
C GLN A 30 19.18 16.99 -7.26
N CYS A 31 18.29 16.43 -6.42
CA CYS A 31 17.16 15.65 -6.91
C CYS A 31 16.18 16.45 -7.75
N MET A 32 15.98 17.72 -7.40
CA MET A 32 14.97 18.55 -8.08
C MET A 32 15.44 19.47 -9.18
N ARG A 33 16.72 19.79 -9.21
CA ARG A 33 17.22 20.70 -10.23
C ARG A 33 16.59 20.49 -11.61
N HIS A 34 16.63 19.25 -12.10
CA HIS A 34 16.09 18.92 -13.42
C HIS A 34 14.57 18.75 -13.48
N LEU A 35 13.88 19.00 -12.38
CA LEU A 35 12.43 18.86 -12.35
C LEU A 35 11.70 20.18 -12.18
N VAL A 36 12.45 21.27 -12.23
CA VAL A 36 11.86 22.60 -12.12
C VAL A 36 12.64 23.54 -13.03
N SER A 37 12.01 24.67 -13.39
CA SER A 37 12.66 25.64 -14.26
C SER A 37 13.93 26.18 -13.61
N GLU A 38 14.78 26.78 -14.43
CA GLU A 38 16.03 27.34 -13.96
C GLU A 38 15.76 28.44 -12.93
N GLU A 39 14.82 29.32 -13.24
CA GLU A 39 14.46 30.42 -12.35
C GLU A 39 14.05 29.91 -10.99
N GLN A 40 13.04 29.04 -10.99
CA GLN A 40 12.53 28.47 -9.75
C GLN A 40 13.67 27.82 -8.95
N PHE A 41 14.53 27.07 -9.64
CA PHE A 41 15.65 26.41 -8.98
C PHE A 41 16.56 27.41 -8.26
N ARG A 42 16.81 28.57 -8.89
CA ARG A 42 17.65 29.60 -8.29
C ARG A 42 17.03 30.06 -6.96
N LYS A 43 15.73 30.30 -6.98
CA LYS A 43 15.04 30.74 -5.77
C LYS A 43 15.14 29.70 -4.67
N SER A 44 15.12 28.42 -5.04
CA SER A 44 15.20 27.37 -4.04
C SER A 44 16.60 27.24 -3.44
N GLN A 45 17.62 27.35 -4.28
CA GLN A 45 19.00 27.27 -3.80
C GLN A 45 19.14 28.32 -2.70
N ALA A 46 18.69 29.53 -3.00
CA ALA A 46 18.75 30.64 -2.06
C ALA A 46 17.96 30.30 -0.79
N ILE A 47 16.75 29.78 -0.97
CA ILE A 47 15.92 29.41 0.18
C ILE A 47 16.61 28.35 1.03
N VAL A 48 17.19 27.35 0.38
CA VAL A 48 17.89 26.27 1.09
C VAL A 48 19.12 26.83 1.80
N GLN A 49 19.87 27.67 1.09
CA GLN A 49 21.07 28.31 1.63
C GLN A 49 20.77 28.99 2.97
N GLN A 50 19.72 29.80 3.02
CA GLN A 50 19.40 30.48 4.26
C GLN A 50 18.98 29.51 5.35
N PHE A 51 18.06 28.62 5.01
CA PHE A 51 17.58 27.63 5.97
C PHE A 51 18.77 26.88 6.54
N GLY A 52 19.66 26.45 5.66
CA GLY A 52 20.81 25.67 6.09
C GLY A 52 22.07 26.40 6.52
N ALA A 53 22.01 27.72 6.57
CA ALA A 53 23.19 28.50 6.96
C ALA A 53 23.55 28.32 8.44
N PRO A 54 24.83 28.51 8.78
CA PRO A 54 25.31 28.38 10.15
C PRO A 54 24.51 29.24 11.14
N GLY A 55 24.14 28.62 12.27
CA GLY A 55 23.38 29.30 13.30
C GLY A 55 21.97 29.61 12.83
N GLY A 56 21.61 29.05 11.68
CA GLY A 56 20.30 29.28 11.12
C GLY A 56 19.18 28.43 11.68
N LEU A 57 18.03 28.52 11.02
CA LEU A 57 16.85 27.78 11.45
C LEU A 57 17.03 26.28 11.28
N GLY A 58 17.69 25.88 10.19
CA GLY A 58 17.89 24.47 9.95
C GLY A 58 18.62 23.76 11.07
N GLU A 59 19.79 24.28 11.41
CA GLU A 59 20.58 23.68 12.47
C GLU A 59 19.84 23.58 13.79
N THR A 60 18.94 24.54 14.06
CA THR A 60 18.15 24.55 15.29
C THR A 60 17.18 23.35 15.31
N LEU A 61 16.53 23.12 14.17
CA LEU A 61 15.58 22.02 14.06
C LEU A 61 16.33 20.69 14.13
N GLN A 62 17.50 20.63 13.51
CA GLN A 62 18.31 19.42 13.51
C GLN A 62 18.68 19.04 14.94
N GLN A 63 18.97 20.05 15.76
CA GLN A 63 19.33 19.80 17.15
C GLN A 63 18.11 19.20 17.85
N LYS A 64 16.93 19.72 17.54
CA LYS A 64 15.70 19.20 18.15
C LYS A 64 15.51 17.75 17.70
N LEU A 65 15.83 17.48 16.44
CA LEU A 65 15.68 16.14 15.89
C LEU A 65 16.62 15.16 16.59
N LEU A 66 17.86 15.58 16.82
CA LEU A 66 18.79 14.68 17.50
C LEU A 66 18.28 14.37 18.92
N GLU A 67 17.64 15.35 19.56
CA GLU A 67 17.10 15.17 20.91
C GLU A 67 15.93 14.19 20.82
N ARG A 68 15.02 14.42 19.88
CA ARG A 68 13.88 13.53 19.70
C ARG A 68 14.38 12.12 19.40
N GLN A 69 15.44 12.01 18.60
CA GLN A 69 15.98 10.68 18.27
C GLN A 69 16.35 9.91 19.53
N GLU A 70 17.01 10.59 20.46
CA GLU A 70 17.45 9.97 21.70
C GLU A 70 16.30 9.65 22.66
N LYS A 71 15.25 10.45 22.62
CA LYS A 71 14.11 10.22 23.51
C LYS A 71 13.10 9.21 22.97
N THR A 72 13.17 8.90 21.68
CA THR A 72 12.23 7.94 21.09
C THR A 72 12.92 6.72 20.49
N ALA A 73 12.11 5.74 20.12
CA ALA A 73 12.62 4.52 19.51
C ALA A 73 12.90 4.79 18.04
N ASN A 74 11.96 5.48 17.40
CA ASN A 74 12.05 5.82 15.98
C ASN A 74 11.51 7.25 15.84
N TRP A 75 12.40 8.21 15.62
CA TRP A 75 12.02 9.60 15.52
C TRP A 75 11.04 10.02 14.43
N VAL A 76 10.62 9.12 13.55
CA VAL A 76 9.68 9.55 12.52
C VAL A 76 8.38 8.76 12.49
N SER A 77 8.30 7.70 13.28
CA SER A 77 7.10 6.88 13.30
C SER A 77 5.82 7.70 13.34
N GLU A 78 5.73 8.59 14.32
CA GLU A 78 4.55 9.43 14.49
C GLU A 78 4.32 10.31 13.27
N TYR A 79 5.32 11.12 12.94
CA TYR A 79 5.24 12.01 11.80
C TYR A 79 4.87 11.30 10.51
N TRP A 80 5.58 10.20 10.23
CA TRP A 80 5.37 9.43 9.01
C TRP A 80 3.99 8.78 8.96
N LEU A 81 3.62 8.07 10.04
CA LEU A 81 2.32 7.43 10.10
C LEU A 81 1.18 8.40 9.84
N ASN A 82 1.28 9.62 10.38
CA ASN A 82 0.22 10.62 10.15
C ASN A 82 0.30 11.22 8.75
N ASP A 83 1.52 11.52 8.29
CA ASP A 83 1.72 12.14 6.99
C ASP A 83 1.36 11.25 5.81
N MET A 84 1.73 9.97 5.92
CA MET A 84 1.48 9.00 4.87
C MET A 84 0.02 8.46 4.86
N TYR A 85 -0.53 8.15 6.04
CA TYR A 85 -1.88 7.53 6.08
C TYR A 85 -2.92 8.15 7.01
N LEU A 86 -2.65 8.34 8.31
CA LEU A 86 -3.72 8.85 9.17
C LEU A 86 -4.29 10.20 8.76
N ASN A 87 -3.49 11.07 8.15
CA ASN A 87 -3.97 12.41 7.79
C ASN A 87 -4.74 12.44 6.49
N ASN A 88 -4.45 11.50 5.59
CA ASN A 88 -5.09 11.45 4.28
C ASN A 88 -6.61 11.42 4.42
N ARG A 89 -7.30 12.28 3.67
CA ARG A 89 -8.76 12.35 3.74
C ARG A 89 -9.45 11.52 2.65
N LEU A 90 -8.70 11.09 1.64
CA LEU A 90 -9.33 10.30 0.58
C LEU A 90 -9.90 9.00 1.13
N ALA A 91 -10.88 8.44 0.43
CA ALA A 91 -11.49 7.18 0.83
C ALA A 91 -10.41 6.10 0.69
N LEU A 92 -10.39 5.13 1.60
CA LEU A 92 -9.38 4.08 1.57
C LEU A 92 -9.36 3.21 0.32
N PRO A 93 -10.53 2.81 -0.22
CA PRO A 93 -10.54 1.98 -1.42
C PRO A 93 -9.75 2.62 -2.57
N VAL A 94 -8.85 1.85 -3.15
CA VAL A 94 -8.02 2.30 -4.27
C VAL A 94 -6.98 3.35 -3.88
N ASN A 95 -7.38 4.40 -3.17
CA ASN A 95 -6.45 5.46 -2.77
C ASN A 95 -5.40 5.05 -1.75
N SER A 96 -5.74 4.07 -0.90
CA SER A 96 -4.84 3.67 0.15
C SER A 96 -4.70 2.18 0.40
N SER A 97 -5.82 1.48 0.54
CA SER A 97 -5.79 0.07 0.85
C SER A 97 -5.45 -0.86 -0.30
N PRO A 98 -4.24 -1.45 -0.26
CA PRO A 98 -3.77 -2.37 -1.30
C PRO A 98 -4.50 -3.71 -1.23
N ALA A 99 -4.37 -4.49 -2.29
CA ALA A 99 -5.01 -5.79 -2.35
C ALA A 99 -4.01 -6.84 -2.84
N VAL A 100 -4.06 -7.98 -2.21
CA VAL A 100 -3.28 -9.17 -2.51
C VAL A 100 -4.28 -10.14 -3.08
N ILE A 101 -4.06 -10.57 -4.31
CA ILE A 101 -4.97 -11.50 -4.96
C ILE A 101 -4.35 -12.92 -4.99
N PHE A 102 -5.05 -13.91 -4.44
CA PHE A 102 -4.54 -15.28 -4.45
C PHE A 102 -4.89 -15.88 -5.81
N ALA A 103 -4.33 -17.04 -6.10
CA ALA A 103 -4.58 -17.72 -7.37
C ALA A 103 -6.07 -17.98 -7.52
N ARG A 104 -6.52 -18.20 -8.74
CA ARG A 104 -7.95 -18.47 -8.92
C ARG A 104 -8.26 -19.85 -8.37
N GLN A 105 -9.37 -19.96 -7.64
CA GLN A 105 -9.81 -21.22 -7.06
C GLN A 105 -10.98 -21.72 -7.89
N HIS A 106 -11.45 -22.92 -7.57
CA HIS A 106 -12.58 -23.50 -8.28
C HIS A 106 -13.53 -24.11 -7.27
N PHE A 107 -14.70 -23.49 -7.13
CA PHE A 107 -15.70 -23.93 -6.18
C PHE A 107 -17.00 -24.40 -6.84
N PRO A 108 -17.11 -25.71 -7.11
CA PRO A 108 -18.32 -26.26 -7.73
C PRO A 108 -19.57 -25.94 -6.92
N GLY A 109 -19.54 -26.25 -5.64
CA GLY A 109 -20.69 -25.97 -4.78
C GLY A 109 -20.35 -25.04 -3.62
N THR A 110 -21.38 -24.40 -3.06
CA THR A 110 -21.17 -23.49 -1.95
C THR A 110 -20.26 -24.10 -0.89
N ASP A 111 -20.37 -25.41 -0.69
CA ASP A 111 -19.56 -26.09 0.32
C ASP A 111 -18.07 -26.00 0.04
N ASP A 112 -17.70 -25.92 -1.23
CA ASP A 112 -16.29 -25.83 -1.59
C ASP A 112 -15.75 -24.44 -1.25
N GLN A 113 -16.64 -23.43 -1.28
CA GLN A 113 -16.27 -22.06 -0.92
C GLN A 113 -16.13 -21.98 0.60
N LEU A 114 -17.10 -22.54 1.30
CA LEU A 114 -17.09 -22.51 2.75
C LEU A 114 -16.00 -23.39 3.35
N ARG A 115 -15.63 -24.47 2.66
CA ARG A 115 -14.56 -25.32 3.16
C ARG A 115 -13.27 -24.53 3.10
N PHE A 116 -13.07 -23.82 2.00
CA PHE A 116 -11.88 -23.00 1.81
C PHE A 116 -11.84 -21.96 2.93
N ALA A 117 -12.91 -21.19 3.05
CA ALA A 117 -13.00 -20.16 4.07
C ALA A 117 -12.71 -20.73 5.46
N ALA A 118 -13.20 -21.94 5.73
CA ALA A 118 -12.97 -22.56 7.03
C ALA A 118 -11.48 -22.82 7.26
N SER A 119 -10.85 -23.48 6.29
CA SER A 119 -9.42 -23.80 6.34
C SER A 119 -8.61 -22.51 6.52
N LEU A 120 -8.93 -21.51 5.68
CA LEU A 120 -8.24 -20.23 5.72
C LEU A 120 -8.31 -19.65 7.12
N ILE A 121 -9.49 -19.71 7.73
CA ILE A 121 -9.68 -19.19 9.08
C ILE A 121 -8.86 -19.98 10.11
N SER A 122 -8.67 -21.27 9.89
CA SER A 122 -7.88 -22.09 10.80
C SER A 122 -6.42 -21.69 10.64
N GLY A 123 -6.06 -21.29 9.43
CA GLY A 123 -4.70 -20.87 9.17
C GLY A 123 -4.44 -19.56 9.89
N VAL A 124 -5.43 -18.69 9.88
CA VAL A 124 -5.31 -17.40 10.55
C VAL A 124 -5.10 -17.67 12.04
N LEU A 125 -5.93 -18.53 12.62
CA LEU A 125 -5.82 -18.86 14.04
C LEU A 125 -4.46 -19.40 14.48
N SER A 126 -3.94 -20.40 13.79
CA SER A 126 -2.63 -20.94 14.18
C SER A 126 -1.50 -19.97 13.86
N TYR A 127 -1.70 -19.11 12.85
CA TYR A 127 -0.67 -18.13 12.52
C TYR A 127 -0.70 -17.04 13.58
N LYS A 128 -1.86 -16.86 14.22
CA LYS A 128 -1.99 -15.86 15.26
C LYS A 128 -1.46 -16.44 16.58
N ALA A 129 -1.34 -17.76 16.62
CA ALA A 129 -0.81 -18.46 17.80
C ALA A 129 0.70 -18.29 17.82
N LEU A 130 1.33 -18.61 16.70
CA LEU A 130 2.77 -18.48 16.55
C LEU A 130 3.12 -17.05 16.90
N LEU A 131 2.26 -16.14 16.45
CA LEU A 131 2.44 -14.72 16.68
C LEU A 131 2.37 -14.41 18.18
N ASP A 132 1.31 -14.86 18.84
CA ASP A 132 1.14 -14.60 20.26
C ASP A 132 2.24 -15.22 21.14
N SER A 133 2.90 -16.26 20.64
CA SER A 133 3.96 -16.91 21.39
C SER A 133 5.35 -16.55 20.87
N HIS A 134 5.41 -15.46 20.10
CA HIS A 134 6.67 -14.97 19.53
C HIS A 134 7.49 -16.12 18.97
N SER A 135 6.80 -17.06 18.33
CA SER A 135 7.45 -18.23 17.76
C SER A 135 7.80 -18.00 16.31
N ILE A 136 7.44 -16.84 15.78
CA ILE A 136 7.74 -16.55 14.39
C ILE A 136 9.22 -16.21 14.23
N PRO A 137 9.91 -16.91 13.32
CA PRO A 137 11.34 -16.71 13.06
C PRO A 137 11.65 -15.28 12.64
N THR A 138 12.60 -14.63 13.32
CA THR A 138 12.98 -13.26 12.99
C THR A 138 13.58 -13.17 11.57
N ASP A 139 12.96 -12.35 10.72
CA ASP A 139 13.42 -12.16 9.34
C ASP A 139 14.79 -11.53 9.23
N CYS A 140 15.42 -11.71 8.07
CA CYS A 140 16.74 -11.13 7.80
C CYS A 140 16.69 -10.44 6.43
N ALA A 141 17.68 -9.58 6.17
CA ALA A 141 17.73 -8.89 4.91
C ALA A 141 18.08 -9.82 3.77
N LYS A 142 17.60 -9.52 2.59
CA LYS A 142 17.93 -10.25 1.37
C LYS A 142 18.06 -9.17 0.31
N GLY A 143 18.61 -9.41 -0.87
CA GLY A 143 18.64 -8.35 -1.89
C GLY A 143 19.78 -7.31 -1.76
N GLN A 144 19.47 -6.13 -1.24
CA GLN A 144 20.46 -5.07 -1.09
C GLN A 144 20.92 -4.88 0.36
N LEU A 145 22.04 -5.51 0.68
CA LEU A 145 22.57 -5.49 2.01
C LEU A 145 21.78 -6.50 2.82
N SER A 146 22.35 -7.74 2.82
CA SER A 146 21.70 -8.93 3.40
C SER A 146 22.48 -9.73 4.45
N GLY A 147 21.72 -10.07 5.50
CA GLY A 147 22.19 -10.89 6.65
C GLY A 147 21.70 -10.37 8.01
N GLN A 148 21.49 -9.08 8.11
CA GLN A 148 21.12 -8.46 9.38
C GLN A 148 19.65 -8.67 9.79
N PRO A 149 19.39 -8.67 11.10
CA PRO A 149 18.02 -8.86 11.62
C PRO A 149 17.11 -7.72 11.17
N LEU A 150 15.82 -7.99 11.03
CA LEU A 150 14.85 -6.98 10.61
C LEU A 150 13.81 -6.76 11.71
N CYS A 151 13.15 -5.61 11.72
CA CYS A 151 12.12 -5.33 12.72
C CYS A 151 10.89 -6.19 12.43
N MET A 152 10.28 -6.71 13.48
CA MET A 152 9.11 -7.56 13.31
C MET A 152 7.84 -6.87 13.79
N LYS A 153 7.95 -5.66 14.32
CA LYS A 153 6.77 -4.96 14.83
C LYS A 153 5.53 -4.99 13.93
N GLN A 154 5.72 -4.86 12.61
CA GLN A 154 4.62 -4.85 11.66
C GLN A 154 3.77 -6.10 11.72
N TYR A 155 4.40 -7.25 11.94
CA TYR A 155 3.55 -8.41 12.07
C TYR A 155 2.41 -8.06 13.03
N TYR A 156 2.79 -7.84 14.31
CA TYR A 156 1.90 -7.56 15.45
C TYR A 156 1.05 -6.30 15.27
N GLY A 157 0.52 -6.21 14.07
CA GLY A 157 -0.34 -5.14 13.64
C GLY A 157 -1.35 -5.72 12.63
N LEU A 158 -0.99 -6.88 12.11
CA LEU A 158 -1.78 -7.61 11.13
C LEU A 158 -3.23 -7.85 11.55
N PHE A 159 -3.43 -8.39 12.75
CA PHE A 159 -4.78 -8.65 13.21
C PHE A 159 -5.23 -7.81 14.41
N SER A 160 -4.30 -7.13 15.07
CA SER A 160 -4.68 -6.34 16.25
C SER A 160 -4.96 -4.86 15.98
N SER A 161 -5.37 -4.52 14.75
CA SER A 161 -5.61 -3.13 14.43
C SER A 161 -6.96 -2.74 13.82
N TYR A 162 -7.35 -1.49 14.04
CA TYR A 162 -8.58 -0.92 13.51
C TYR A 162 -8.30 0.55 13.27
N ARG A 163 -8.77 1.10 12.14
CA ARG A 163 -8.53 2.50 11.86
C ARG A 163 -9.82 3.30 12.03
N LEU A 164 -9.83 4.09 13.09
CA LEU A 164 -10.98 4.91 13.45
C LEU A 164 -10.89 6.20 12.66
N PRO A 165 -12.01 6.64 12.06
CA PRO A 165 -12.04 7.88 11.27
C PRO A 165 -12.18 9.09 12.21
N GLY A 166 -11.67 10.24 11.77
CA GLY A 166 -11.74 11.46 12.55
C GLY A 166 -11.97 12.62 11.60
N HIS A 167 -12.47 13.75 12.10
CA HIS A 167 -12.74 14.87 11.20
C HIS A 167 -11.54 15.31 10.37
N THR A 168 -10.38 15.52 11.02
CA THR A 168 -9.17 15.95 10.31
C THR A 168 -8.05 14.91 10.35
N GLN A 169 -8.00 14.12 11.43
CA GLN A 169 -6.97 13.10 11.58
C GLN A 169 -7.53 11.79 12.11
N ASP A 170 -7.23 10.70 11.41
CA ASP A 170 -7.67 9.37 11.82
C ASP A 170 -6.83 8.89 12.98
N THR A 171 -7.26 7.81 13.61
CA THR A 171 -6.53 7.24 14.73
C THR A 171 -6.40 5.75 14.55
N LEU A 172 -5.19 5.24 14.71
CA LEU A 172 -4.99 3.82 14.58
C LEU A 172 -5.27 3.21 15.95
N VAL A 173 -6.08 2.17 15.98
CA VAL A 173 -6.46 1.49 17.23
C VAL A 173 -6.31 2.36 18.46
N MET A 180 -6.43 -7.68 24.99
CA MET A 180 -7.11 -8.62 24.12
C MET A 180 -8.53 -8.89 24.63
N PRO A 181 -9.43 -9.36 23.75
CA PRO A 181 -10.83 -9.65 24.09
C PRO A 181 -11.19 -11.13 24.25
N GLU A 182 -12.40 -11.40 24.76
CA GLU A 182 -12.89 -12.78 24.96
C GLU A 182 -14.42 -12.84 24.97
N PRO A 183 -15.00 -13.73 24.16
CA PRO A 183 -14.29 -14.66 23.27
C PRO A 183 -13.61 -14.03 22.05
N GLU A 184 -12.58 -14.68 21.53
CA GLU A 184 -11.89 -14.21 20.34
C GLU A 184 -12.74 -14.56 19.14
N HIS A 185 -12.95 -13.60 18.23
CA HIS A 185 -13.83 -13.85 17.08
C HIS A 185 -13.49 -13.09 15.80
N VAL A 186 -13.99 -13.60 14.67
CA VAL A 186 -13.82 -13.00 13.35
C VAL A 186 -15.22 -12.58 12.90
N ILE A 187 -15.29 -11.53 12.08
CA ILE A 187 -16.57 -11.07 11.57
C ILE A 187 -16.69 -11.60 10.15
N VAL A 188 -17.78 -12.32 9.87
CA VAL A 188 -18.01 -12.87 8.54
C VAL A 188 -19.07 -12.04 7.80
N ALA A 189 -18.72 -11.44 6.66
CA ALA A 189 -19.69 -10.64 5.93
C ALA A 189 -20.18 -11.39 4.70
N CYS A 190 -21.50 -11.52 4.61
CA CYS A 190 -22.16 -12.21 3.49
C CYS A 190 -23.45 -11.46 3.15
N CYS A 191 -23.62 -11.07 1.90
CA CYS A 191 -24.82 -10.33 1.50
C CYS A 191 -24.89 -8.99 2.25
N ASN A 192 -23.73 -8.40 2.50
CA ASN A 192 -23.58 -7.12 3.20
C ASN A 192 -24.03 -7.20 4.66
N GLN A 193 -24.24 -8.41 5.16
CA GLN A 193 -24.63 -8.62 6.53
C GLN A 193 -23.38 -9.01 7.32
N PHE A 194 -23.24 -8.46 8.52
CA PHE A 194 -22.08 -8.78 9.34
C PHE A 194 -22.45 -9.72 10.47
N PHE A 195 -21.67 -10.79 10.63
CA PHE A 195 -21.90 -11.76 11.68
C PHE A 195 -20.68 -11.90 12.58
N VAL A 196 -20.92 -12.35 13.80
CA VAL A 196 -19.88 -12.55 14.78
C VAL A 196 -19.60 -14.05 14.87
N LEU A 197 -18.41 -14.48 14.45
CA LEU A 197 -18.05 -15.89 14.51
C LEU A 197 -16.94 -16.11 15.53
N ASP A 198 -17.30 -16.66 16.68
CA ASP A 198 -16.32 -16.93 17.73
C ASP A 198 -15.44 -18.09 17.26
N VAL A 199 -14.11 -17.89 17.30
CA VAL A 199 -13.18 -18.92 16.85
C VAL A 199 -12.33 -19.52 17.96
N VAL A 200 -12.32 -18.89 19.13
CA VAL A 200 -11.54 -19.38 20.27
C VAL A 200 -12.26 -19.14 21.61
N ILE A 201 -12.73 -20.22 22.20
CA ILE A 201 -13.34 -20.17 23.54
C ILE A 201 -12.26 -19.79 24.54
N ASN A 202 -11.89 -20.80 25.36
CA ASN A 202 -10.82 -20.65 26.33
C ASN A 202 -9.56 -21.32 25.75
N PHE A 203 -8.93 -20.60 24.79
CA PHE A 203 -7.73 -21.09 24.12
C PHE A 203 -8.05 -22.34 23.29
N ARG A 204 -9.35 -22.65 23.21
CA ARG A 204 -9.84 -23.76 22.41
C ARG A 204 -10.15 -23.17 21.05
N ARG A 205 -9.35 -23.50 20.03
CA ARG A 205 -9.60 -22.96 18.71
C ARG A 205 -10.41 -23.93 17.85
N LEU A 206 -11.69 -23.59 17.67
CA LEU A 206 -12.65 -24.35 16.88
C LEU A 206 -12.03 -25.21 15.80
N SER A 207 -12.67 -26.33 15.50
CA SER A 207 -12.19 -27.23 14.47
C SER A 207 -12.53 -26.71 13.08
N GLU A 208 -11.72 -27.09 12.10
CA GLU A 208 -11.96 -26.66 10.73
C GLU A 208 -13.32 -27.22 10.34
N GLY A 209 -13.73 -28.28 11.03
CA GLY A 209 -15.01 -28.91 10.77
C GLY A 209 -16.17 -28.11 11.33
N ASP A 210 -15.97 -27.52 12.50
CA ASP A 210 -17.02 -26.71 13.14
C ASP A 210 -17.08 -25.31 12.54
N LEU A 211 -15.95 -24.81 12.07
CA LEU A 211 -15.93 -23.51 11.44
C LEU A 211 -16.77 -23.66 10.18
N PHE A 212 -16.63 -24.79 9.49
CA PHE A 212 -17.40 -25.05 8.29
C PHE A 212 -18.87 -24.99 8.62
N THR A 213 -19.26 -25.77 9.64
CA THR A 213 -20.64 -25.85 10.09
C THR A 213 -21.22 -24.47 10.43
N GLN A 214 -20.43 -23.67 11.12
CA GLN A 214 -20.86 -22.33 11.51
C GLN A 214 -21.07 -21.44 10.27
N LEU A 215 -20.22 -21.61 9.28
CA LEU A 215 -20.31 -20.80 8.05
C LEU A 215 -21.59 -21.11 7.26
N ARG A 216 -22.02 -22.38 7.26
CA ARG A 216 -23.23 -22.77 6.55
C ARG A 216 -24.43 -22.07 7.17
N LYS A 217 -24.36 -21.94 8.50
CA LYS A 217 -25.41 -21.29 9.26
C LYS A 217 -25.47 -19.80 8.92
N ILE A 218 -24.30 -19.18 8.78
CA ILE A 218 -24.23 -17.76 8.44
C ILE A 218 -24.82 -17.52 7.05
N VAL A 219 -24.34 -18.29 6.07
CA VAL A 219 -24.82 -18.18 4.70
C VAL A 219 -26.34 -18.29 4.67
N LYS A 220 -26.87 -19.27 5.40
CA LYS A 220 -28.32 -19.47 5.47
C LYS A 220 -29.03 -18.26 6.06
N MET A 221 -28.53 -17.78 7.20
CA MET A 221 -29.11 -16.62 7.88
C MET A 221 -29.03 -15.36 7.05
N ALA A 222 -27.90 -15.16 6.38
CA ALA A 222 -27.73 -13.97 5.56
C ALA A 222 -28.66 -13.99 4.36
N SER A 223 -29.47 -15.04 4.25
CA SER A 223 -30.40 -15.17 3.14
C SER A 223 -31.85 -15.03 3.58
N ASN A 224 -32.07 -14.45 4.75
CA ASN A 224 -33.42 -14.25 5.28
C ASN A 224 -33.86 -12.81 5.03
N ALA A 225 -34.89 -12.65 4.20
CA ALA A 225 -35.41 -11.34 3.81
C ALA A 225 -35.98 -10.48 4.94
N ALA A 226 -36.70 -11.11 5.86
CA ALA A 226 -37.30 -10.38 6.97
C ALA A 226 -36.26 -9.85 7.94
N ALA A 227 -35.04 -10.36 7.87
CA ALA A 227 -33.97 -9.95 8.78
C ALA A 227 -32.90 -9.05 8.17
N ARG A 228 -32.82 -9.03 6.84
CA ARG A 228 -31.83 -8.23 6.13
C ARG A 228 -31.75 -6.77 6.59
N LEU A 229 -30.58 -6.36 7.05
CA LEU A 229 -30.38 -5.00 7.52
C LEU A 229 -29.65 -4.17 6.47
N PRO A 230 -29.66 -2.83 6.62
CA PRO A 230 -28.99 -1.92 5.68
C PRO A 230 -27.48 -2.17 5.60
N PRO A 231 -26.88 -1.91 4.43
CA PRO A 231 -25.45 -2.11 4.17
C PRO A 231 -24.52 -1.07 4.83
N ILE A 232 -24.41 -1.15 6.15
CA ILE A 232 -23.58 -0.23 6.92
C ILE A 232 -22.13 -0.20 6.46
N GLY A 233 -21.61 -1.34 6.01
CA GLY A 233 -20.23 -1.37 5.54
C GLY A 233 -19.96 -0.27 4.54
N LEU A 234 -20.93 -0.04 3.66
CA LEU A 234 -20.82 0.98 2.63
C LEU A 234 -20.27 2.29 3.21
N LEU A 235 -20.65 2.61 4.44
CA LEU A 235 -20.19 3.84 5.06
C LEU A 235 -18.68 3.94 5.22
N THR A 236 -18.01 2.80 5.33
CA THR A 236 -16.58 2.81 5.52
C THR A 236 -15.80 2.99 4.24
N SER A 237 -16.49 3.02 3.09
CA SER A 237 -15.81 3.18 1.81
C SER A 237 -15.78 4.62 1.34
N ASP A 238 -16.22 5.49 2.23
CA ASP A 238 -16.35 6.91 1.94
C ASP A 238 -15.20 7.75 2.49
N GLY A 239 -15.03 8.99 2.01
CA GLY A 239 -13.97 9.86 2.50
C GLY A 239 -13.87 9.74 4.01
N ARG A 240 -12.66 9.81 4.55
CA ARG A 240 -12.47 9.67 5.99
C ARG A 240 -13.23 10.71 6.84
N SER A 241 -13.40 11.92 6.32
CA SER A 241 -14.13 12.95 7.07
C SER A 241 -15.62 12.65 7.05
N GLU A 242 -16.09 12.13 5.92
CA GLU A 242 -17.50 11.78 5.74
C GLU A 242 -17.89 10.58 6.61
N TRP A 243 -17.00 9.59 6.68
CA TRP A 243 -17.26 8.40 7.47
C TRP A 243 -17.19 8.76 8.95
N ALA A 244 -16.33 9.72 9.29
CA ALA A 244 -16.20 10.14 10.68
C ALA A 244 -17.53 10.76 11.15
N GLU A 245 -18.14 11.53 10.26
CA GLU A 245 -19.40 12.21 10.56
C GLU A 245 -20.60 11.26 10.61
N ALA A 246 -20.67 10.34 9.65
CA ALA A 246 -21.77 9.39 9.61
C ALA A 246 -21.65 8.44 10.81
N ARG A 247 -20.42 8.12 11.20
CA ARG A 247 -20.20 7.25 12.35
C ARG A 247 -20.69 7.95 13.61
N THR A 248 -20.47 9.27 13.66
CA THR A 248 -20.89 10.08 14.80
C THR A 248 -22.40 9.96 14.97
N VAL A 249 -23.10 9.80 13.86
CA VAL A 249 -24.54 9.64 13.89
C VAL A 249 -24.86 8.25 14.46
N LEU A 250 -24.24 7.22 13.91
CA LEU A 250 -24.47 5.86 14.39
C LEU A 250 -24.27 5.74 15.90
N VAL A 251 -23.15 6.28 16.39
CA VAL A 251 -22.80 6.23 17.80
C VAL A 251 -23.89 6.70 18.78
N LYS A 252 -24.88 7.42 18.27
CA LYS A 252 -25.98 7.92 19.12
C LYS A 252 -26.81 6.79 19.72
N ASP A 253 -26.96 5.69 18.99
CA ASP A 253 -27.73 4.54 19.47
C ASP A 253 -26.84 3.48 20.10
N SER A 254 -27.32 2.90 21.21
CA SER A 254 -26.57 1.88 21.92
C SER A 254 -26.34 0.59 21.13
N THR A 255 -27.35 0.16 20.38
CA THR A 255 -27.23 -1.06 19.59
C THR A 255 -26.12 -0.97 18.54
N ASN A 256 -25.93 0.22 17.97
CA ASN A 256 -24.89 0.40 16.96
C ASN A 256 -23.52 0.50 17.62
N ARG A 257 -23.43 1.18 18.75
CA ARG A 257 -22.16 1.24 19.46
C ARG A 257 -21.63 -0.20 19.61
N ASP A 258 -22.52 -1.07 20.09
CA ASP A 258 -22.22 -2.48 20.32
C ASP A 258 -21.64 -3.22 19.16
N SER A 259 -22.33 -3.17 18.03
CA SER A 259 -21.88 -3.86 16.84
C SER A 259 -20.55 -3.26 16.37
N LEU A 260 -20.46 -1.93 16.37
CA LEU A 260 -19.23 -1.26 15.97
C LEU A 260 -18.10 -1.78 16.85
N ASP A 261 -18.35 -1.83 18.15
CA ASP A 261 -17.34 -2.32 19.09
C ASP A 261 -16.93 -3.73 18.70
N MET A 262 -17.91 -4.54 18.33
CA MET A 262 -17.62 -5.91 17.94
C MET A 262 -16.71 -5.93 16.72
N ILE A 263 -17.03 -5.12 15.71
CA ILE A 263 -16.21 -5.06 14.50
C ILE A 263 -14.81 -4.56 14.84
N GLU A 264 -14.75 -3.55 15.69
CA GLU A 264 -13.49 -2.97 16.12
C GLU A 264 -12.60 -3.97 16.83
N ARG A 265 -13.21 -4.91 17.56
CA ARG A 265 -12.43 -5.88 18.32
C ARG A 265 -12.24 -7.27 17.72
N CYS A 266 -12.58 -7.46 16.44
CA CYS A 266 -12.42 -8.77 15.81
C CYS A 266 -10.98 -9.02 15.36
N ILE A 267 -10.68 -10.24 14.94
CA ILE A 267 -9.34 -10.57 14.47
C ILE A 267 -9.13 -10.00 13.06
N CYS A 268 -10.14 -10.21 12.22
CA CYS A 268 -10.17 -9.76 10.84
C CYS A 268 -11.59 -10.02 10.38
N LEU A 269 -11.84 -9.85 9.09
CA LEU A 269 -13.16 -10.17 8.55
C LEU A 269 -12.95 -11.28 7.51
N VAL A 270 -14.03 -11.97 7.15
CA VAL A 270 -13.95 -13.00 6.12
C VAL A 270 -15.14 -12.73 5.22
N CYS A 271 -14.89 -12.16 4.05
CA CYS A 271 -15.96 -11.78 3.13
C CYS A 271 -16.31 -12.84 2.11
N LEU A 272 -17.54 -13.34 2.18
CA LEU A 272 -18.03 -14.37 1.27
C LEU A 272 -18.73 -13.68 0.10
N ASP A 273 -17.95 -13.15 -0.83
CA ASP A 273 -18.50 -12.44 -1.98
C ASP A 273 -19.44 -13.23 -2.87
N ALA A 274 -20.38 -12.52 -3.47
CA ALA A 274 -21.35 -13.12 -4.38
C ALA A 274 -20.61 -13.31 -5.69
N PRO A 275 -21.13 -14.16 -6.60
CA PRO A 275 -20.45 -14.37 -7.87
C PRO A 275 -20.26 -13.06 -8.61
N GLY A 276 -19.03 -12.81 -9.06
CA GLY A 276 -18.77 -11.60 -9.81
C GLY A 276 -19.39 -11.84 -11.18
N GLY A 277 -19.78 -10.78 -11.86
CA GLY A 277 -20.39 -10.98 -13.18
C GLY A 277 -19.40 -11.27 -14.29
N VAL A 278 -18.48 -10.33 -14.51
CA VAL A 278 -17.47 -10.42 -15.56
C VAL A 278 -16.65 -11.71 -15.56
N GLU A 279 -15.60 -11.70 -16.39
CA GLU A 279 -14.69 -12.83 -16.53
C GLU A 279 -13.68 -12.81 -15.40
N LEU A 280 -13.20 -13.98 -15.01
CA LEU A 280 -12.27 -14.08 -13.91
C LEU A 280 -10.80 -13.85 -14.26
N SER A 281 -10.52 -12.76 -14.97
CA SER A 281 -9.16 -12.42 -15.35
C SER A 281 -8.41 -11.92 -14.12
N ASP A 282 -7.09 -11.90 -14.21
CA ASP A 282 -6.29 -11.40 -13.11
C ASP A 282 -6.72 -9.97 -12.81
N THR A 283 -6.96 -9.21 -13.87
CA THR A 283 -7.37 -7.82 -13.76
C THR A 283 -8.72 -7.68 -13.07
N HIS A 284 -9.69 -8.49 -13.50
CA HIS A 284 -11.01 -8.42 -12.91
C HIS A 284 -11.05 -8.91 -11.49
N ARG A 285 -10.26 -9.92 -11.20
CA ARG A 285 -10.23 -10.46 -9.84
C ARG A 285 -9.66 -9.40 -8.93
N ALA A 286 -8.67 -8.68 -9.42
CA ALA A 286 -8.04 -7.64 -8.63
C ALA A 286 -9.03 -6.49 -8.41
N LEU A 287 -9.77 -6.14 -9.45
CA LEU A 287 -10.73 -5.06 -9.29
C LEU A 287 -11.63 -5.43 -8.14
N GLN A 288 -12.11 -6.67 -8.14
CA GLN A 288 -13.01 -7.13 -7.11
C GLN A 288 -12.41 -6.97 -5.74
N LEU A 289 -11.09 -7.15 -5.63
CA LEU A 289 -10.43 -7.00 -4.33
C LEU A 289 -10.24 -5.54 -3.95
N LEU A 290 -9.86 -4.70 -4.92
CA LEU A 290 -9.65 -3.30 -4.62
C LEU A 290 -10.89 -2.56 -4.17
N HIS A 291 -11.95 -2.58 -4.98
CA HIS A 291 -13.17 -1.87 -4.62
C HIS A 291 -14.43 -2.72 -4.57
N GLY A 292 -14.31 -4.01 -4.88
CA GLY A 292 -15.47 -4.88 -4.83
C GLY A 292 -16.45 -4.73 -5.97
N GLY A 293 -16.17 -3.81 -6.89
CA GLY A 293 -17.05 -3.60 -8.03
C GLY A 293 -18.22 -2.65 -7.84
N GLY A 294 -18.27 -1.96 -6.70
CA GLY A 294 -19.36 -1.03 -6.47
C GLY A 294 -20.44 -1.63 -5.59
N TYR A 295 -21.43 -0.84 -5.22
CA TYR A 295 -22.52 -1.32 -4.37
C TYR A 295 -23.37 -2.41 -5.02
N SER A 296 -23.34 -2.57 -6.35
CA SER A 296 -24.15 -3.62 -6.99
C SER A 296 -23.42 -4.99 -7.08
N LYS A 297 -22.18 -5.06 -6.63
CA LYS A 297 -21.43 -6.31 -6.72
C LYS A 297 -21.05 -6.88 -5.35
N ASN A 298 -19.97 -6.37 -4.78
CA ASN A 298 -19.52 -6.82 -3.46
C ASN A 298 -18.95 -5.62 -2.72
N GLY A 299 -19.20 -4.45 -3.28
CA GLY A 299 -18.68 -3.22 -2.69
C GLY A 299 -19.08 -2.90 -1.26
N ALA A 300 -20.22 -3.42 -0.83
CA ALA A 300 -20.69 -3.16 0.53
C ALA A 300 -20.34 -4.30 1.49
N ASN A 301 -19.96 -5.44 0.93
CA ASN A 301 -19.61 -6.62 1.73
C ASN A 301 -18.20 -6.35 2.27
N ARG A 302 -18.04 -5.24 2.98
CA ARG A 302 -16.75 -4.84 3.51
C ARG A 302 -16.85 -3.88 4.70
N TRP A 303 -15.70 -3.63 5.32
CA TRP A 303 -15.53 -2.71 6.44
C TRP A 303 -14.06 -2.33 6.41
N TYR A 304 -13.71 -1.38 5.54
CA TYR A 304 -12.33 -0.93 5.28
C TYR A 304 -11.50 -0.51 6.50
N ASP A 305 -12.13 -0.07 7.62
CA ASP A 305 -11.33 0.35 8.76
C ASP A 305 -10.49 -0.79 9.31
N LYS A 306 -11.02 -2.00 9.23
CA LYS A 306 -10.31 -3.16 9.73
C LYS A 306 -9.08 -3.46 8.86
N SER A 307 -8.03 -3.98 9.50
CA SER A 307 -6.77 -4.31 8.84
C SER A 307 -6.84 -5.28 7.69
N LEU A 308 -7.27 -6.50 7.98
CA LEU A 308 -7.37 -7.51 6.95
C LEU A 308 -8.79 -7.98 6.68
N GLN A 309 -9.14 -8.02 5.40
CA GLN A 309 -10.45 -8.49 4.97
C GLN A 309 -10.16 -9.61 3.99
N PHE A 310 -10.28 -10.86 4.44
CA PHE A 310 -10.02 -11.97 3.54
C PHE A 310 -11.26 -12.23 2.72
N VAL A 311 -11.09 -12.24 1.40
CA VAL A 311 -12.21 -12.46 0.49
C VAL A 311 -12.23 -13.90 -0.03
N VAL A 312 -13.39 -14.55 0.11
CA VAL A 312 -13.57 -15.90 -0.36
C VAL A 312 -14.88 -15.85 -1.12
N GLY A 313 -14.79 -15.59 -2.42
CA GLY A 313 -16.00 -15.47 -3.23
C GLY A 313 -16.61 -16.78 -3.68
N ARG A 314 -17.91 -16.75 -3.97
CA ARG A 314 -18.61 -17.94 -4.42
C ARG A 314 -17.98 -18.53 -5.66
N ASP A 315 -17.55 -17.67 -6.59
CA ASP A 315 -16.97 -18.13 -7.85
C ASP A 315 -15.50 -18.55 -7.84
N GLY A 316 -14.79 -18.26 -6.75
CA GLY A 316 -13.39 -18.65 -6.69
C GLY A 316 -12.41 -17.49 -6.59
N THR A 317 -12.93 -16.26 -6.68
CA THR A 317 -12.11 -15.06 -6.57
C THR A 317 -11.75 -14.89 -5.09
N CYS A 318 -10.46 -14.95 -4.77
CA CYS A 318 -10.03 -14.83 -3.38
C CYS A 318 -8.81 -13.92 -3.21
N GLY A 319 -8.60 -13.45 -1.98
CA GLY A 319 -7.47 -12.59 -1.69
C GLY A 319 -7.65 -11.93 -0.34
N VAL A 320 -7.08 -10.73 -0.18
CA VAL A 320 -7.19 -10.03 1.08
C VAL A 320 -6.96 -8.52 0.92
N VAL A 321 -7.99 -7.74 1.18
CA VAL A 321 -7.89 -6.27 1.09
C VAL A 321 -7.15 -5.86 2.36
N CYS A 322 -6.21 -4.92 2.28
CA CYS A 322 -5.46 -4.55 3.47
C CYS A 322 -5.43 -3.05 3.80
N GLU A 323 -5.64 -2.72 5.07
CA GLU A 323 -5.58 -1.33 5.51
C GLU A 323 -4.09 -1.04 5.76
N HIS A 324 -3.55 -0.17 4.93
CA HIS A 324 -2.14 0.17 4.95
C HIS A 324 -1.45 0.71 6.23
N SER A 325 -2.10 1.66 6.94
CA SER A 325 -1.43 2.31 8.05
C SER A 325 -0.61 1.36 8.96
N PRO A 326 -1.14 0.17 9.33
CA PRO A 326 -0.42 -0.71 10.30
C PRO A 326 0.71 -1.55 9.80
N PHE A 327 0.85 -1.80 8.53
CA PHE A 327 2.00 -2.61 8.07
C PHE A 327 2.12 -2.48 6.58
N ASP A 328 3.27 -2.87 6.05
CA ASP A 328 3.51 -2.82 4.61
C ASP A 328 3.46 -4.17 3.89
N GLY A 329 3.41 -4.12 2.56
CA GLY A 329 3.29 -5.30 1.69
C GLY A 329 4.26 -6.48 1.97
N ILE A 330 5.51 -6.23 2.26
CA ILE A 330 6.44 -7.34 2.51
C ILE A 330 5.94 -8.24 3.65
N VAL A 331 5.61 -7.63 4.78
CA VAL A 331 5.12 -8.40 5.92
C VAL A 331 3.84 -9.11 5.55
N LEU A 332 2.90 -8.37 4.97
CA LEU A 332 1.64 -8.96 4.60
C LEU A 332 1.78 -10.22 3.73
N VAL A 333 2.65 -10.16 2.73
CA VAL A 333 2.81 -11.29 1.84
C VAL A 333 3.40 -12.54 2.47
N GLN A 334 4.30 -12.38 3.43
CA GLN A 334 4.91 -13.54 4.10
C GLN A 334 3.84 -14.27 4.91
N CYS A 335 2.96 -13.48 5.53
CA CYS A 335 1.87 -14.02 6.34
C CYS A 335 0.91 -14.73 5.40
N THR A 336 0.57 -14.04 4.33
CA THR A 336 -0.34 -14.57 3.34
C THR A 336 0.19 -15.85 2.74
N GLU A 337 1.44 -15.85 2.28
CA GLU A 337 2.01 -17.07 1.70
C GLU A 337 2.06 -18.18 2.75
N HIS A 338 2.29 -17.82 4.01
CA HIS A 338 2.33 -18.81 5.08
C HIS A 338 0.92 -19.36 5.26
N LEU A 339 -0.06 -18.47 5.21
CA LEU A 339 -1.45 -18.88 5.36
C LEU A 339 -1.77 -19.97 4.34
N LEU A 340 -1.58 -19.65 3.07
CA LEU A 340 -1.88 -20.58 1.99
C LEU A 340 -1.04 -21.87 1.99
N LYS A 341 0.19 -21.82 2.48
CA LYS A 341 1.00 -23.04 2.53
C LYS A 341 0.40 -23.99 3.56
N HIS A 342 -0.09 -23.40 4.65
CA HIS A 342 -0.73 -24.15 5.73
C HIS A 342 -1.92 -24.92 5.16
N MET A 343 -2.62 -24.29 4.22
CA MET A 343 -3.78 -24.90 3.59
C MET A 343 -3.40 -26.03 2.65
N PRO A 355 -21.41 -28.53 21.94
CA PRO A 355 -22.27 -27.35 22.09
C PRO A 355 -21.79 -26.23 21.16
N LEU A 356 -22.36 -26.18 19.97
CA LEU A 356 -21.99 -25.19 18.97
C LEU A 356 -23.04 -24.09 18.80
N PRO A 357 -23.00 -23.06 19.66
CA PRO A 357 -23.98 -21.97 19.56
C PRO A 357 -23.99 -21.43 18.14
N ALA A 358 -25.06 -20.74 17.78
CA ALA A 358 -25.16 -20.18 16.43
C ALA A 358 -24.49 -18.81 16.37
N PRO A 359 -23.91 -18.47 15.21
CA PRO A 359 -23.24 -17.17 15.06
C PRO A 359 -24.21 -16.00 15.24
N ARG A 360 -23.77 -14.93 15.87
CA ARG A 360 -24.60 -13.74 16.09
C ARG A 360 -24.59 -12.75 14.91
N ARG A 361 -25.73 -12.12 14.64
CA ARG A 361 -25.81 -11.13 13.58
C ARG A 361 -25.76 -9.77 14.25
N LEU A 362 -24.87 -8.90 13.79
CA LEU A 362 -24.78 -7.58 14.37
C LEU A 362 -26.05 -6.83 14.05
N ARG A 363 -26.59 -6.15 15.05
CA ARG A 363 -27.80 -5.37 14.89
C ARG A 363 -27.43 -3.95 14.50
N TRP A 364 -28.36 -3.26 13.84
CA TRP A 364 -28.16 -1.88 13.45
C TRP A 364 -29.51 -1.19 13.55
N LYS A 365 -29.54 0.00 14.12
CA LYS A 365 -30.78 0.76 14.22
C LYS A 365 -30.62 2.01 13.37
N CYS A 366 -31.07 1.92 12.12
CA CYS A 366 -30.97 3.05 11.18
C CYS A 366 -32.04 4.10 11.39
N SER A 367 -31.75 5.29 10.91
CA SER A 367 -32.67 6.42 10.99
C SER A 367 -32.67 7.10 9.63
N PRO A 368 -33.55 8.09 9.42
CA PRO A 368 -33.57 8.76 8.13
C PRO A 368 -32.22 9.40 7.80
N GLU A 369 -31.44 9.69 8.85
CA GLU A 369 -30.12 10.28 8.67
C GLU A 369 -29.23 9.27 7.96
N ILE A 370 -28.99 8.15 8.62
CA ILE A 370 -28.16 7.08 8.09
C ILE A 370 -28.54 6.72 6.66
N GLN A 371 -29.84 6.71 6.39
CA GLN A 371 -30.34 6.37 5.06
C GLN A 371 -29.75 7.33 4.02
N GLY A 372 -29.62 8.59 4.39
CA GLY A 372 -29.07 9.59 3.49
C GLY A 372 -27.59 9.36 3.27
N HIS A 373 -26.87 9.10 4.36
CA HIS A 373 -25.43 8.83 4.34
C HIS A 373 -25.07 7.62 3.48
N LEU A 374 -25.84 6.54 3.62
CA LEU A 374 -25.61 5.34 2.83
C LEU A 374 -25.75 5.69 1.36
N ALA A 375 -26.66 6.60 1.05
CA ALA A 375 -26.87 7.02 -0.33
C ALA A 375 -25.64 7.73 -0.88
N SER A 376 -25.10 8.69 -0.12
CA SER A 376 -23.92 9.41 -0.56
C SER A 376 -22.76 8.46 -0.80
N SER A 377 -22.48 7.62 0.20
CA SER A 377 -21.41 6.65 0.12
C SER A 377 -21.56 5.80 -1.12
N ALA A 378 -22.80 5.40 -1.40
CA ALA A 378 -23.08 4.59 -2.56
C ALA A 378 -22.60 5.32 -3.82
N GLU A 379 -22.95 6.60 -3.91
CA GLU A 379 -22.56 7.38 -5.07
C GLU A 379 -21.07 7.73 -5.11
N LYS A 380 -20.47 7.92 -3.93
CA LYS A 380 -19.04 8.25 -3.86
C LYS A 380 -18.24 7.04 -4.30
N LEU A 381 -18.70 5.86 -3.87
CA LEU A 381 -18.01 4.63 -4.16
C LEU A 381 -18.14 4.21 -5.62
N GLN A 382 -19.20 4.67 -6.29
CA GLN A 382 -19.41 4.35 -7.70
C GLN A 382 -18.43 5.14 -8.57
N ARG A 383 -18.11 6.36 -8.13
CA ARG A 383 -17.17 7.19 -8.85
C ARG A 383 -15.78 6.56 -8.79
N ILE A 384 -15.40 6.03 -7.62
CA ILE A 384 -14.10 5.41 -7.46
C ILE A 384 -14.00 4.18 -8.38
N VAL A 385 -15.07 3.41 -8.46
CA VAL A 385 -15.08 2.22 -9.30
C VAL A 385 -15.05 2.64 -10.76
N LYS A 386 -15.79 3.70 -11.07
CA LYS A 386 -15.87 4.20 -12.43
C LYS A 386 -14.57 4.87 -12.87
N ASN A 387 -13.84 5.43 -11.91
CA ASN A 387 -12.60 6.14 -12.22
C ASN A 387 -11.31 5.31 -12.22
N LEU A 388 -11.35 4.09 -11.70
CA LEU A 388 -10.15 3.28 -11.66
C LEU A 388 -9.81 2.58 -12.96
N ASP A 389 -8.66 2.93 -13.51
CA ASP A 389 -8.16 2.32 -14.75
C ASP A 389 -7.03 1.39 -14.27
N PHE A 390 -7.35 0.10 -14.17
CA PHE A 390 -6.39 -0.91 -13.69
C PHE A 390 -6.07 -2.06 -14.67
N ILE A 391 -4.84 -2.56 -14.62
CA ILE A 391 -4.45 -3.63 -15.51
C ILE A 391 -3.27 -4.43 -14.99
N VAL A 392 -3.33 -5.75 -15.20
CA VAL A 392 -2.27 -6.66 -14.79
C VAL A 392 -1.46 -7.03 -16.03
N TYR A 393 -0.21 -6.58 -16.10
CA TYR A 393 0.64 -6.89 -17.24
C TYR A 393 1.79 -7.79 -16.80
N LYS A 394 1.93 -8.91 -17.51
CA LYS A 394 2.98 -9.87 -17.23
C LYS A 394 3.96 -9.89 -18.39
N PHE A 395 5.17 -9.40 -18.13
CA PHE A 395 6.24 -9.34 -19.11
C PHE A 395 6.90 -10.72 -19.05
N ASP A 396 6.94 -11.44 -20.17
CA ASP A 396 7.51 -12.78 -20.19
C ASP A 396 8.74 -12.98 -21.06
N ASN A 397 9.30 -11.91 -21.59
CA ASN A 397 10.48 -12.08 -22.43
C ASN A 397 11.69 -12.49 -21.60
N TYR A 398 11.75 -12.02 -20.37
CA TYR A 398 12.86 -12.34 -19.47
C TYR A 398 12.62 -11.76 -18.08
N GLY A 399 13.52 -12.08 -17.15
CA GLY A 399 13.37 -11.60 -15.79
C GLY A 399 14.67 -11.34 -15.08
N LYS A 400 14.70 -11.59 -13.78
CA LYS A 400 15.91 -11.35 -13.00
C LYS A 400 17.13 -12.03 -13.65
N THR A 401 17.03 -13.33 -13.93
CA THR A 401 18.15 -14.06 -14.52
C THR A 401 18.86 -13.28 -15.62
N PHE A 402 18.14 -12.88 -16.65
CA PHE A 402 18.80 -12.13 -17.72
C PHE A 402 19.43 -10.87 -17.18
N ILE A 403 18.67 -10.10 -16.39
CA ILE A 403 19.18 -8.84 -15.85
C ILE A 403 20.48 -9.05 -15.06
N LYS A 404 20.51 -10.07 -14.20
CA LYS A 404 21.72 -10.35 -13.42
C LYS A 404 22.92 -10.62 -14.33
N LYS A 405 22.65 -11.17 -15.51
CA LYS A 405 23.71 -11.47 -16.46
C LYS A 405 24.30 -10.22 -17.06
N GLN A 406 23.71 -9.07 -16.73
CA GLN A 406 24.21 -7.80 -17.25
C GLN A 406 24.95 -7.02 -16.16
N LYS A 407 25.15 -7.67 -15.01
CA LYS A 407 25.83 -7.03 -13.89
C LYS A 407 24.94 -5.87 -13.38
N CYS A 408 23.64 -6.13 -13.34
CA CYS A 408 22.70 -5.14 -12.89
C CYS A 408 21.77 -5.64 -11.78
N SER A 409 21.33 -4.70 -10.95
CA SER A 409 20.38 -4.97 -9.88
C SER A 409 19.04 -5.06 -10.60
N PRO A 410 18.30 -6.17 -10.43
CA PRO A 410 17.01 -6.31 -11.11
C PRO A 410 16.11 -5.12 -10.80
N ASP A 411 15.98 -4.78 -9.53
CA ASP A 411 15.13 -3.68 -9.13
C ASP A 411 15.57 -2.34 -9.71
N ALA A 412 16.87 -2.13 -9.81
CA ALA A 412 17.37 -0.88 -10.37
C ALA A 412 17.00 -0.85 -11.86
N PHE A 413 17.21 -1.99 -12.52
CA PHE A 413 16.93 -2.13 -13.93
C PHE A 413 15.45 -1.84 -14.16
N ILE A 414 14.59 -2.50 -13.40
CA ILE A 414 13.16 -2.29 -13.55
C ILE A 414 12.77 -0.82 -13.26
N GLN A 415 13.40 -0.20 -12.26
CA GLN A 415 13.08 1.20 -11.97
C GLN A 415 13.43 2.10 -13.15
N VAL A 416 14.53 1.81 -13.82
CA VAL A 416 14.93 2.60 -14.96
C VAL A 416 13.91 2.34 -16.07
N ALA A 417 13.54 1.07 -16.21
CA ALA A 417 12.55 0.71 -17.21
C ALA A 417 11.34 1.64 -17.08
N LEU A 418 10.80 1.74 -15.87
CA LEU A 418 9.65 2.61 -15.64
C LEU A 418 9.89 4.08 -16.03
N GLN A 419 11.09 4.61 -15.76
CA GLN A 419 11.39 6.00 -16.13
C GLN A 419 11.30 6.14 -17.65
N LEU A 420 11.93 5.22 -18.36
CA LEU A 420 11.90 5.24 -19.81
C LEU A 420 10.45 5.19 -20.30
N ALA A 421 9.64 4.33 -19.69
CA ALA A 421 8.23 4.22 -20.06
C ALA A 421 7.50 5.56 -19.85
N PHE A 422 7.64 6.16 -18.66
CA PHE A 422 6.95 7.41 -18.42
C PHE A 422 7.37 8.49 -19.42
N TYR A 423 8.66 8.67 -19.60
CA TYR A 423 9.17 9.68 -20.52
C TYR A 423 8.76 9.49 -21.98
N ARG A 424 8.89 8.27 -22.49
CA ARG A 424 8.56 8.01 -23.88
C ARG A 424 7.08 8.22 -24.11
N LEU A 425 6.28 8.04 -23.06
CA LEU A 425 4.85 8.23 -23.17
C LEU A 425 4.46 9.67 -22.94
N HIS A 426 4.98 10.26 -21.87
CA HIS A 426 4.59 11.63 -21.50
C HIS A 426 5.55 12.77 -21.78
N ARG A 427 6.71 12.46 -22.34
CA ARG A 427 7.69 13.50 -22.70
C ARG A 427 8.34 14.26 -21.52
N ARG A 428 8.26 13.70 -20.31
CA ARG A 428 8.89 14.36 -19.17
C ARG A 428 9.04 13.37 -18.02
N LEU A 429 9.94 13.68 -17.10
CA LEU A 429 10.10 12.86 -15.93
C LEU A 429 9.37 13.62 -14.86
N VAL A 430 8.95 12.91 -13.81
CA VAL A 430 8.24 13.56 -12.71
C VAL A 430 8.71 12.96 -11.41
N PRO A 431 8.52 13.69 -10.29
CA PRO A 431 8.94 13.17 -8.98
C PRO A 431 8.37 11.76 -8.84
N THR A 432 9.24 10.80 -8.59
CA THR A 432 8.78 9.42 -8.48
C THR A 432 9.07 8.90 -7.09
N TYR A 433 8.22 7.98 -6.64
CA TYR A 433 8.38 7.38 -5.33
C TYR A 433 8.59 5.86 -5.45
N GLU A 434 9.52 5.33 -4.65
CA GLU A 434 9.78 3.88 -4.60
C GLU A 434 10.03 3.50 -3.15
N SER A 435 9.18 2.61 -2.65
CA SER A 435 9.26 2.11 -1.29
C SER A 435 10.57 1.42 -1.00
N ALA A 436 11.32 1.99 -0.07
CA ALA A 436 12.58 1.43 0.36
C ALA A 436 12.31 0.99 1.78
N SER A 437 12.48 -0.29 2.07
CA SER A 437 12.22 -0.76 3.41
C SER A 437 13.39 -0.44 4.33
N ILE A 438 13.06 0.14 5.50
CA ILE A 438 14.07 0.47 6.50
C ILE A 438 13.88 -0.39 7.74
N ARG A 439 13.25 -1.55 7.60
CA ARG A 439 13.02 -2.45 8.73
C ARG A 439 14.31 -2.87 9.43
N ARG A 440 15.47 -2.37 8.98
CA ARG A 440 16.69 -2.72 9.69
C ARG A 440 16.62 -2.09 11.07
N PHE A 441 16.07 -0.89 11.12
CA PHE A 441 15.96 -0.14 12.35
C PHE A 441 14.68 -0.39 13.13
N GLN A 442 14.66 -0.02 14.38
CA GLN A 442 13.50 -0.22 15.24
C GLN A 442 12.24 0.45 14.70
N GLU A 443 11.16 -0.34 14.62
CA GLU A 443 9.88 0.14 14.13
C GLU A 443 9.97 0.70 12.72
N GLY A 444 11.08 0.41 12.05
CA GLY A 444 11.28 0.89 10.70
C GLY A 444 10.21 0.48 9.71
N ARG A 445 9.67 1.45 8.98
CA ARG A 445 8.66 1.19 7.97
C ARG A 445 9.30 1.34 6.60
N VAL A 446 9.35 2.56 6.04
CA VAL A 446 9.96 2.79 4.73
C VAL A 446 10.34 4.24 4.54
N ASP A 447 11.38 4.47 3.73
CA ASP A 447 11.81 5.80 3.36
C ASP A 447 11.67 5.82 1.86
N ASN A 448 11.91 6.95 1.20
CA ASN A 448 11.71 7.05 -0.24
C ASN A 448 12.96 7.07 -1.10
N ILE A 449 12.93 6.30 -2.20
CA ILE A 449 14.00 6.24 -3.18
C ILE A 449 13.49 7.08 -4.36
N ARG A 450 14.13 8.20 -4.68
CA ARG A 450 13.67 9.05 -5.79
C ARG A 450 14.32 8.63 -7.10
N SER A 451 13.68 7.70 -7.79
CA SER A 451 14.18 7.18 -9.04
C SER A 451 14.24 8.15 -10.21
N ALA A 452 13.68 9.34 -10.09
CA ALA A 452 13.73 10.28 -11.21
C ALA A 452 15.04 11.07 -11.19
N THR A 453 16.14 10.34 -11.21
CA THR A 453 17.49 10.90 -11.16
C THR A 453 17.90 11.66 -12.41
N PRO A 454 18.99 12.42 -12.32
CA PRO A 454 19.49 13.19 -13.46
C PRO A 454 20.09 12.23 -14.50
N GLU A 455 20.63 11.11 -14.02
CA GLU A 455 21.23 10.11 -14.91
C GLU A 455 20.16 9.36 -15.68
N ALA A 456 18.95 9.36 -15.16
CA ALA A 456 17.84 8.70 -15.82
C ALA A 456 17.30 9.63 -16.90
N LEU A 457 17.38 10.93 -16.65
CA LEU A 457 16.91 11.92 -17.61
C LEU A 457 17.80 11.87 -18.87
N ALA A 458 19.09 11.75 -18.65
CA ALA A 458 20.04 11.70 -19.77
C ALA A 458 19.89 10.41 -20.57
N PHE A 459 19.43 9.34 -19.91
CA PHE A 459 19.25 8.08 -20.61
C PHE A 459 17.99 8.09 -21.44
N VAL A 460 16.89 8.56 -20.85
CA VAL A 460 15.61 8.62 -21.54
C VAL A 460 15.63 9.61 -22.69
N ARG A 461 16.41 10.68 -22.55
CA ARG A 461 16.50 11.67 -23.61
C ARG A 461 17.31 11.12 -24.77
N ALA A 462 18.34 10.33 -24.47
CA ALA A 462 19.18 9.77 -25.52
C ALA A 462 18.40 8.75 -26.32
N VAL A 463 17.59 7.95 -25.65
CA VAL A 463 16.81 6.92 -26.32
C VAL A 463 15.65 7.45 -27.16
N THR A 464 14.91 8.43 -26.62
CA THR A 464 13.75 9.00 -27.31
C THR A 464 13.98 10.13 -28.33
N ASP A 465 15.06 10.87 -28.19
CA ASP A 465 15.35 11.97 -29.11
C ASP A 465 16.08 11.51 -30.38
N HIS A 466 15.29 11.16 -31.40
CA HIS A 466 15.80 10.69 -32.68
C HIS A 466 16.75 11.68 -33.33
N LYS A 467 16.37 12.95 -33.29
CA LYS A 467 17.20 13.99 -33.86
C LYS A 467 18.63 13.94 -33.34
N ALA A 468 18.80 13.69 -32.05
CA ALA A 468 20.15 13.63 -31.47
C ALA A 468 20.98 12.49 -32.07
N ALA A 469 20.31 11.50 -32.65
CA ALA A 469 21.00 10.37 -33.26
C ALA A 469 22.10 9.80 -32.35
N VAL A 470 21.81 9.72 -31.06
CA VAL A 470 22.80 9.19 -30.14
C VAL A 470 23.15 7.76 -30.51
N PRO A 471 24.45 7.45 -30.60
CA PRO A 471 24.88 6.09 -30.95
C PRO A 471 24.39 5.11 -29.93
N ALA A 472 24.08 3.90 -30.37
CA ALA A 472 23.59 2.86 -29.48
C ALA A 472 24.61 2.51 -28.40
N SER A 473 25.89 2.57 -28.73
CA SER A 473 26.91 2.25 -27.73
C SER A 473 26.91 3.30 -26.64
N GLU A 474 26.52 4.52 -26.99
CA GLU A 474 26.45 5.61 -26.03
C GLU A 474 25.21 5.42 -25.17
N LYS A 475 24.12 4.96 -25.80
CA LYS A 475 22.89 4.72 -25.06
C LYS A 475 23.17 3.68 -24.00
N LEU A 476 23.91 2.64 -24.37
CA LEU A 476 24.25 1.58 -23.42
C LEU A 476 24.97 2.15 -22.21
N LEU A 477 25.96 3.00 -22.45
CA LEU A 477 26.70 3.59 -21.34
C LEU A 477 25.72 4.33 -20.42
N LEU A 478 24.91 5.20 -21.00
CA LEU A 478 23.95 5.97 -20.23
C LEU A 478 22.97 5.05 -19.50
N LEU A 479 22.67 3.90 -20.10
CA LEU A 479 21.77 2.94 -19.48
C LEU A 479 22.44 2.43 -18.21
N LYS A 480 23.69 2.03 -18.31
CA LYS A 480 24.40 1.52 -17.14
C LYS A 480 24.62 2.58 -16.08
N ASP A 481 24.89 3.81 -16.52
CA ASP A 481 25.12 4.88 -15.58
C ASP A 481 23.82 5.13 -14.83
N ALA A 482 22.70 5.01 -15.53
CA ALA A 482 21.41 5.23 -14.90
C ALA A 482 21.19 4.14 -13.87
N ILE A 483 21.43 2.91 -14.26
CA ILE A 483 21.24 1.81 -13.34
C ILE A 483 22.22 1.94 -12.18
N ARG A 484 23.31 2.65 -12.41
CA ARG A 484 24.30 2.84 -11.34
C ARG A 484 23.78 3.84 -10.30
N ALA A 485 23.14 4.91 -10.75
CA ALA A 485 22.62 5.92 -9.83
C ALA A 485 21.41 5.42 -9.04
N GLN A 486 20.58 4.60 -9.67
CA GLN A 486 19.42 4.04 -9.01
C GLN A 486 19.90 3.18 -7.83
N THR A 487 20.88 2.34 -8.09
CA THR A 487 21.42 1.46 -7.07
C THR A 487 22.11 2.24 -5.97
N ALA A 488 22.75 3.34 -6.33
CA ALA A 488 23.44 4.18 -5.35
C ALA A 488 22.42 4.84 -4.41
N TYR A 489 21.28 5.25 -4.97
CA TYR A 489 20.24 5.90 -4.17
C TYR A 489 19.59 4.85 -3.31
N THR A 490 19.37 3.67 -3.88
CA THR A 490 18.74 2.60 -3.13
C THR A 490 19.55 2.31 -1.88
N VAL A 491 20.83 1.99 -2.08
CA VAL A 491 21.69 1.71 -0.96
C VAL A 491 21.53 2.84 0.06
N MET A 492 21.65 4.07 -0.39
CA MET A 492 21.50 5.22 0.49
C MET A 492 20.15 5.25 1.25
N ALA A 493 19.06 4.94 0.57
CA ALA A 493 17.75 4.95 1.22
C ALA A 493 17.58 3.88 2.28
N ILE A 494 17.88 2.62 1.93
CA ILE A 494 17.70 1.54 2.89
C ILE A 494 18.63 1.56 4.09
N THR A 495 19.62 2.45 4.09
CA THR A 495 20.52 2.55 5.23
C THR A 495 20.21 3.80 6.06
N GLY A 496 19.05 4.41 5.77
CA GLY A 496 18.61 5.57 6.51
C GLY A 496 19.23 6.90 6.16
N MET A 497 19.97 6.94 5.05
CA MET A 497 20.63 8.18 4.62
C MET A 497 19.93 8.94 3.48
N ALA A 498 18.67 8.59 3.19
CA ALA A 498 17.92 9.29 2.14
C ALA A 498 17.41 10.65 2.65
N ILE A 499 16.45 11.25 1.97
CA ILE A 499 16.06 12.60 2.43
C ILE A 499 14.59 12.81 2.81
N ASP A 500 13.65 12.02 2.29
CA ASP A 500 12.22 12.22 2.59
C ASP A 500 11.84 12.20 4.08
N ASN A 501 12.15 11.13 4.80
CA ASN A 501 11.79 11.11 6.22
C ASN A 501 12.44 12.26 6.98
N HIS A 502 13.73 12.49 6.70
CA HIS A 502 14.47 13.55 7.36
C HIS A 502 13.74 14.89 7.23
N LEU A 503 13.49 15.33 6.00
CA LEU A 503 12.78 16.59 5.78
C LEU A 503 11.40 16.61 6.45
N LEU A 504 10.72 15.47 6.43
CA LEU A 504 9.41 15.38 7.06
C LEU A 504 9.57 15.77 8.53
N ALA A 505 10.49 15.10 9.22
CA ALA A 505 10.72 15.40 10.64
C ALA A 505 11.09 16.86 10.89
N LEU A 506 11.90 17.45 10.03
CA LEU A 506 12.29 18.84 10.21
C LEU A 506 11.09 19.74 10.04
N ARG A 507 10.19 19.36 9.14
CA ARG A 507 9.00 20.14 8.87
C ARG A 507 8.07 20.18 10.09
N GLU A 508 7.68 19.00 10.60
CA GLU A 508 6.79 18.93 11.75
C GLU A 508 7.37 19.49 13.03
N LEU A 509 8.69 19.48 13.17
CA LEU A 509 9.30 20.05 14.37
C LEU A 509 9.10 21.56 14.29
N ALA A 510 9.38 22.12 13.13
CA ALA A 510 9.22 23.57 12.91
C ALA A 510 7.77 23.99 13.15
N ARG A 511 6.84 23.18 12.65
CA ARG A 511 5.42 23.46 12.83
C ARG A 511 5.10 23.54 14.33
N ALA A 512 5.74 22.68 15.12
CA ALA A 512 5.54 22.67 16.57
C ALA A 512 6.00 24.02 17.12
N MET A 513 6.99 24.62 16.49
CA MET A 513 7.49 25.92 16.93
C MET A 513 6.54 27.06 16.52
N CYS A 514 6.05 27.00 15.28
CA CYS A 514 5.15 28.01 14.75
C CYS A 514 4.32 27.47 13.58
N ALA A 515 3.00 27.59 13.68
CA ALA A 515 2.09 27.11 12.64
C ALA A 515 2.48 27.58 11.24
N ALA A 516 3.20 28.70 11.15
CA ALA A 516 3.64 29.21 9.86
C ALA A 516 4.98 28.53 9.59
N LEU A 517 5.03 27.72 8.54
CA LEU A 517 6.25 26.99 8.19
C LEU A 517 7.30 27.88 7.58
N PRO A 518 8.57 27.44 7.59
CA PRO A 518 9.62 28.26 7.01
C PRO A 518 9.44 28.25 5.49
N GLU A 519 10.10 29.17 4.80
CA GLU A 519 9.99 29.26 3.35
C GLU A 519 10.52 27.97 2.71
N MET A 520 11.42 27.29 3.43
CA MET A 520 12.00 26.05 2.98
C MET A 520 10.89 25.05 2.63
N PHE A 521 9.88 24.97 3.49
CA PHE A 521 8.78 24.04 3.27
C PHE A 521 7.51 24.64 2.65
N MET A 522 7.52 25.93 2.33
CA MET A 522 6.39 26.55 1.68
C MET A 522 6.79 26.71 0.22
N ASP A 523 8.09 26.51 -0.03
CA ASP A 523 8.65 26.63 -1.37
C ASP A 523 7.89 25.71 -2.31
N GLU A 524 7.53 26.25 -3.49
CA GLU A 524 6.80 25.47 -4.49
C GLU A 524 7.62 24.26 -4.89
N THR A 525 8.94 24.37 -4.74
CA THR A 525 9.84 23.28 -5.07
C THR A 525 9.65 22.09 -4.12
N TYR A 526 9.56 22.35 -2.83
CA TYR A 526 9.36 21.27 -1.86
C TYR A 526 8.00 20.64 -2.08
N LEU A 527 6.99 21.47 -2.30
CA LEU A 527 5.65 20.96 -2.53
C LEU A 527 5.57 20.03 -3.75
N MET A 528 6.25 20.37 -4.84
CA MET A 528 6.23 19.55 -6.04
C MET A 528 6.93 18.21 -5.84
N SER A 529 8.03 18.22 -5.10
CA SER A 529 8.77 17.01 -4.85
C SER A 529 7.96 15.92 -4.16
N ASN A 530 6.85 16.30 -3.54
CA ASN A 530 6.05 15.31 -2.84
C ASN A 530 4.80 14.80 -3.57
N ARG A 531 4.46 15.38 -4.71
CA ARG A 531 3.32 14.92 -5.50
C ARG A 531 3.88 13.88 -6.45
N PHE A 532 3.85 12.64 -6.00
CA PHE A 532 4.41 11.53 -6.75
C PHE A 532 3.55 11.01 -7.88
N VAL A 533 3.70 11.63 -9.05
CA VAL A 533 2.94 11.26 -10.23
C VAL A 533 3.20 9.81 -10.63
N LEU A 534 4.34 9.26 -10.21
CA LEU A 534 4.68 7.87 -10.48
C LEU A 534 4.99 7.27 -9.12
N SER A 535 4.09 6.43 -8.60
CA SER A 535 4.28 5.82 -7.31
C SER A 535 4.55 4.33 -7.49
N THR A 536 5.76 3.88 -7.15
CA THR A 536 6.10 2.48 -7.35
C THR A 536 6.57 1.74 -6.11
N SER A 537 6.61 0.42 -6.21
CA SER A 537 7.07 -0.43 -5.12
C SER A 537 7.23 -1.85 -5.64
N GLN A 538 8.03 -2.64 -4.95
CA GLN A 538 8.22 -4.02 -5.33
C GLN A 538 7.67 -4.91 -4.23
N VAL A 539 6.89 -5.91 -4.63
CA VAL A 539 6.32 -6.87 -3.69
C VAL A 539 6.52 -8.21 -4.37
N PRO A 540 7.68 -8.83 -4.15
CA PRO A 540 8.00 -10.13 -4.74
C PRO A 540 7.28 -11.22 -3.95
N THR A 541 6.89 -12.28 -4.64
CA THR A 541 6.23 -13.41 -3.97
C THR A 541 6.65 -14.67 -4.70
N THR A 542 6.74 -15.75 -3.96
CA THR A 542 7.12 -17.02 -4.54
C THR A 542 5.88 -17.66 -5.15
N THR A 543 4.77 -17.54 -4.41
CA THR A 543 3.48 -18.07 -4.84
C THR A 543 3.07 -17.51 -6.21
N GLU A 544 1.77 -17.66 -6.46
CA GLU A 544 1.11 -17.31 -7.72
C GLU A 544 0.08 -16.21 -7.48
N MET A 545 0.38 -15.40 -6.41
CA MET A 545 -0.38 -14.26 -5.90
C MET A 545 0.34 -12.96 -6.27
N PHE A 546 -0.34 -11.83 -6.13
CA PHE A 546 0.23 -10.54 -6.49
C PHE A 546 -0.44 -9.38 -5.75
N CYS A 547 0.29 -8.28 -5.63
CA CYS A 547 -0.19 -7.10 -4.91
C CYS A 547 -0.51 -5.93 -5.85
N CYS A 548 -1.39 -5.03 -5.43
CA CYS A 548 -1.73 -3.88 -6.26
C CYS A 548 -2.40 -2.75 -5.48
N TYR A 549 -2.37 -1.55 -6.06
CA TYR A 549 -2.96 -0.37 -5.42
C TYR A 549 -3.13 0.81 -6.37
N GLY A 550 -3.97 1.77 -5.97
CA GLY A 550 -4.24 2.93 -6.79
C GLY A 550 -3.17 4.02 -6.75
N PRO A 551 -3.24 5.02 -7.64
CA PRO A 551 -2.25 6.11 -7.66
C PRO A 551 -2.43 6.96 -6.40
N VAL A 552 -1.45 7.82 -6.10
CA VAL A 552 -1.55 8.70 -4.94
C VAL A 552 -1.89 10.15 -5.31
N VAL A 553 -2.00 10.44 -6.61
CA VAL A 553 -2.37 11.79 -7.07
C VAL A 553 -3.29 11.64 -8.28
N PRO A 554 -4.22 12.58 -8.47
CA PRO A 554 -5.16 12.56 -9.59
C PRO A 554 -4.54 12.31 -10.97
N ASN A 555 -3.32 12.80 -11.19
CA ASN A 555 -2.69 12.61 -12.49
C ASN A 555 -1.51 11.64 -12.41
N GLY A 556 -1.57 10.66 -11.51
CA GLY A 556 -0.45 9.73 -11.35
C GLY A 556 -0.69 8.26 -11.62
N TYR A 557 0.37 7.47 -11.51
CA TYR A 557 0.27 6.03 -11.73
C TYR A 557 0.67 5.28 -10.47
N GLY A 558 0.18 4.07 -10.36
CA GLY A 558 0.50 3.17 -9.31
C GLY A 558 1.08 1.93 -9.97
N ALA A 559 2.36 1.61 -9.68
CA ALA A 559 3.05 0.47 -10.30
C ALA A 559 3.69 -0.46 -9.30
N CYS A 560 3.07 -1.62 -9.10
CA CYS A 560 3.58 -2.62 -8.17
C CYS A 560 4.04 -3.80 -8.99
N TYR A 561 5.30 -4.16 -8.87
CA TYR A 561 5.83 -5.28 -9.64
C TYR A 561 6.40 -6.42 -8.82
N ASN A 562 6.42 -7.60 -9.44
CA ASN A 562 6.91 -8.82 -8.84
C ASN A 562 7.93 -9.44 -9.80
N PRO A 563 9.22 -9.14 -9.61
CA PRO A 563 10.26 -9.69 -10.48
C PRO A 563 10.60 -11.15 -10.16
N GLN A 564 10.43 -12.02 -11.16
CA GLN A 564 10.75 -13.44 -11.00
C GLN A 564 12.01 -13.78 -11.81
N PRO A 565 12.43 -15.06 -11.79
CA PRO A 565 13.63 -15.40 -12.56
C PRO A 565 13.47 -15.15 -14.06
N GLU A 566 12.32 -15.49 -14.64
CA GLU A 566 12.11 -15.32 -16.08
C GLU A 566 10.95 -14.42 -16.51
N THR A 567 10.24 -13.84 -15.55
CA THR A 567 9.12 -12.96 -15.85
C THR A 567 9.09 -11.77 -14.89
N ILE A 568 8.26 -10.77 -15.20
CA ILE A 568 8.14 -9.61 -14.33
C ILE A 568 6.67 -9.21 -14.38
N LEU A 569 5.97 -9.34 -13.26
CA LEU A 569 4.55 -8.97 -13.25
C LEU A 569 4.36 -7.50 -12.90
N PHE A 570 3.67 -6.76 -13.77
CA PHE A 570 3.41 -5.35 -13.52
C PHE A 570 1.92 -5.09 -13.24
N CYS A 571 1.64 -4.48 -12.09
CA CYS A 571 0.26 -4.12 -11.73
C CYS A 571 0.25 -2.60 -11.84
N ILE A 572 -0.46 -2.10 -12.85
CA ILE A 572 -0.50 -0.67 -13.13
C ILE A 572 -1.87 -0.02 -12.99
N SER A 573 -1.90 1.10 -12.26
CA SER A 573 -3.14 1.84 -12.03
C SER A 573 -3.01 3.33 -12.29
N SER A 574 -4.11 3.92 -12.76
CA SER A 574 -4.20 5.36 -13.01
C SER A 574 -5.69 5.72 -12.97
N PHE A 575 -6.01 6.99 -13.14
CA PHE A 575 -7.41 7.44 -13.11
C PHE A 575 -7.91 7.87 -14.49
N HIS A 576 -9.10 7.37 -14.86
CA HIS A 576 -9.72 7.69 -16.14
C HIS A 576 -10.05 9.18 -16.22
N SER A 577 -10.11 9.83 -15.06
CA SER A 577 -10.42 11.25 -15.01
C SER A 577 -9.31 12.11 -15.61
N CYS A 578 -8.09 11.58 -15.62
CA CYS A 578 -6.96 12.32 -16.17
C CYS A 578 -6.68 11.87 -17.62
N ALA A 579 -7.01 12.73 -18.58
CA ALA A 579 -6.81 12.41 -19.98
C ALA A 579 -5.36 12.09 -20.32
N ALA A 580 -4.43 12.59 -19.51
CA ALA A 580 -3.01 12.40 -19.75
C ALA A 580 -2.47 11.00 -19.41
N THR A 581 -3.09 10.31 -18.47
CA THR A 581 -2.63 8.95 -18.09
C THR A 581 -3.44 7.81 -18.71
N SER A 582 -2.81 6.67 -18.89
CA SER A 582 -3.47 5.49 -19.47
C SER A 582 -2.69 4.23 -19.07
N SER A 583 -3.31 3.40 -18.24
CA SER A 583 -2.67 2.17 -17.79
C SER A 583 -2.32 1.19 -18.90
N SER A 584 -3.13 1.13 -19.96
CA SER A 584 -2.84 0.25 -21.09
C SER A 584 -1.59 0.78 -21.80
N LYS A 585 -1.61 2.07 -22.12
CA LYS A 585 -0.50 2.70 -22.82
C LYS A 585 0.79 2.64 -22.01
N PHE A 586 0.67 2.79 -20.69
CA PHE A 586 1.84 2.76 -19.83
C PHE A 586 2.42 1.34 -19.76
N ALA A 587 1.55 0.34 -19.79
CA ALA A 587 1.99 -1.07 -19.74
C ALA A 587 2.71 -1.39 -21.05
N LYS A 588 2.16 -0.90 -22.14
CA LYS A 588 2.75 -1.09 -23.44
C LYS A 588 4.12 -0.44 -23.39
N ALA A 589 4.18 0.80 -22.92
CA ALA A 589 5.43 1.53 -22.82
C ALA A 589 6.48 0.87 -21.91
N VAL A 590 6.04 0.02 -20.97
CA VAL A 590 6.96 -0.69 -20.08
C VAL A 590 7.58 -1.85 -20.86
N GLU A 591 6.72 -2.58 -21.57
CA GLU A 591 7.15 -3.68 -22.39
C GLU A 591 8.22 -3.16 -23.35
N GLU A 592 7.90 -2.09 -24.05
CA GLU A 592 8.83 -1.52 -25.01
C GLU A 592 10.12 -1.06 -24.36
N SER A 593 10.02 -0.55 -23.14
CA SER A 593 11.24 -0.10 -22.47
C SER A 593 12.12 -1.29 -22.12
N LEU A 594 11.50 -2.37 -21.63
CA LEU A 594 12.26 -3.58 -21.31
C LEU A 594 12.93 -4.19 -22.55
N ILE A 595 12.25 -4.11 -23.69
CA ILE A 595 12.79 -4.64 -24.96
C ILE A 595 13.99 -3.82 -25.42
N ASP A 596 13.87 -2.50 -25.34
CA ASP A 596 14.96 -1.63 -25.78
C ASP A 596 16.20 -1.85 -24.95
N MET A 597 16.00 -2.01 -23.64
CA MET A 597 17.13 -2.20 -22.72
C MET A 597 17.81 -3.53 -22.92
N ARG A 598 17.01 -4.54 -23.27
CA ARG A 598 17.58 -5.86 -23.53
C ARG A 598 18.45 -5.76 -24.80
N ASP A 599 17.98 -4.97 -25.77
CA ASP A 599 18.69 -4.75 -27.04
C ASP A 599 19.99 -4.00 -26.80
N LEU A 600 19.94 -2.97 -25.96
CA LEU A 600 21.14 -2.19 -25.67
C LEU A 600 22.18 -3.06 -24.99
N CYS A 601 21.72 -3.99 -24.16
CA CYS A 601 22.61 -4.88 -23.44
C CYS A 601 23.15 -6.02 -24.30
N SER A 602 22.51 -6.25 -25.44
CA SER A 602 22.94 -7.32 -26.34
C SER A 602 23.76 -6.81 -27.54
N LEU A 603 24.41 -5.67 -27.42
CA LEU A 603 25.21 -5.18 -28.54
C LEU A 603 26.49 -6.00 -28.67
N LEU A 604 27.61 -5.49 -28.16
CA LEU A 604 28.88 -6.23 -28.23
C LEU A 604 30.12 -5.38 -27.95
#